data_7A1L
#
_entry.id   7A1L
#
_cell.length_a   86.550
_cell.length_b   86.550
_cell.length_c   148.091
_cell.angle_alpha   90.000
_cell.angle_beta   90.000
_cell.angle_gamma   90.000
#
_symmetry.space_group_name_H-M   'P 41 21 2'
#
loop_
_entity.id
_entity.type
_entity.pdbx_description
1 polymer 'Hypoxia-inducible factor 1-alpha inhibitor'
2 non-polymer '(3~{S})-3-methyl-2-oxidanylidene-pentanedioic acid'
3 non-polymer 'ZINC ION'
4 non-polymer 'SULFATE ION'
5 water water
#
_entity_poly.entity_id   1
_entity_poly.type   'polypeptide(L)'
_entity_poly.pdbx_seq_one_letter_code
;MAATAAEAVASGSGEPREEAGALGPAWDESQLRSYSFPTRPIPRLSQSDPRAEELIENEEPVVLTDTNLVYPALKWDLEY
LQENIGNGDFSVYSASTHKFLYYDEKKMANFQNFKPRSNREEMKFHEFVEKLQDIQQRGGEERLYLQQTLNDTVGRKIVM
DFLGFNWNWINKQQGKRGWGQLTSNLLLIGMEGNVTPAHYDEQQNFFAQIKGYKRCILFPPDQFECLYPYPVHHPCDRQS
QVDFDNPDYERFPNFQNVVGYETVVGPGDVLYIPMYWWHHIESLLNGGITITVNFWYKGAPTPKRIEYPLKAHQKVAIMR
NIEKMLGEALGNPQEVGPLLNTMIKGRYN
;
_entity_poly.pdbx_strand_id   A
#
loop_
_chem_comp.id
_chem_comp.type
_chem_comp.name
_chem_comp.formula
ROQ non-polymer '(3~{S})-3-methyl-2-oxidanylidene-pentanedioic acid' 'C6 H8 O5'
SO4 non-polymer 'SULFATE ION' 'O4 S -2'
ZN non-polymer 'ZINC ION' 'Zn 2'
#
# COMPACT_ATOMS: atom_id res chain seq x y z
N GLU A 15 14.26 1.91 16.47
CA GLU A 15 14.97 3.19 16.47
C GLU A 15 15.57 3.47 15.08
N PRO A 16 16.02 4.71 14.86
CA PRO A 16 16.55 5.06 13.54
C PRO A 16 17.91 4.41 13.29
N ARG A 17 18.08 3.89 12.08
CA ARG A 17 19.37 3.35 11.68
C ARG A 17 20.33 4.49 11.32
N GLU A 18 21.63 4.18 11.35
CA GLU A 18 22.69 5.14 11.12
C GLU A 18 23.30 4.92 9.74
N GLU A 19 23.36 5.98 8.94
CA GLU A 19 23.94 5.89 7.61
C GLU A 19 25.44 5.59 7.69
N ALA A 20 25.93 4.86 6.69
CA ALA A 20 27.34 4.54 6.63
C ALA A 20 28.16 5.82 6.43
N GLY A 21 29.43 5.76 6.85
CA GLY A 21 30.30 6.91 6.75
C GLY A 21 30.09 7.96 7.81
N ALA A 22 29.41 7.61 8.90
CA ALA A 22 29.16 8.54 10.01
C ALA A 22 28.38 9.76 9.54
N LEU A 23 27.51 9.59 8.55
CA LEU A 23 26.70 10.67 8.01
C LEU A 23 25.48 10.98 8.87
N GLY A 24 25.40 10.42 10.08
CA GLY A 24 24.32 10.72 10.98
C GLY A 24 23.09 9.88 10.74
N PRO A 25 22.09 10.02 11.60
CA PRO A 25 20.85 9.26 11.43
C PRO A 25 20.12 9.71 10.17
N ALA A 26 19.72 8.74 9.34
CA ALA A 26 18.99 9.07 8.12
C ALA A 26 17.70 9.81 8.43
N TRP A 27 17.05 9.50 9.54
CA TRP A 27 15.83 10.17 9.94
C TRP A 27 15.76 10.18 11.46
N ASP A 28 14.82 10.95 11.99
CA ASP A 28 14.61 11.02 13.42
C ASP A 28 13.11 10.98 13.72
N GLU A 29 12.78 10.69 14.98
CA GLU A 29 11.40 10.43 15.35
C GLU A 29 10.48 11.61 15.09
N SER A 30 11.03 12.84 15.01
CA SER A 30 10.18 14.01 14.81
C SER A 30 9.52 14.02 13.44
N GLN A 31 10.03 13.24 12.49
CA GLN A 31 9.48 13.20 11.14
C GLN A 31 8.30 12.24 11.01
N LEU A 32 7.92 11.56 12.08
CA LEU A 32 6.80 10.62 12.06
C LEU A 32 5.54 11.30 12.59
N ARG A 33 4.40 10.96 11.99
CA ARG A 33 3.13 11.45 12.48
C ARG A 33 2.73 10.68 13.74
N SER A 34 1.92 11.32 14.58
CA SER A 34 1.51 10.75 15.86
C SER A 34 0.11 10.16 15.74
N TYR A 35 -0.05 8.95 16.27
CA TYR A 35 -1.33 8.24 16.21
C TYR A 35 -1.67 7.69 17.59
N SER A 36 -2.86 7.10 17.69
CA SER A 36 -3.43 6.72 18.97
C SER A 36 -3.11 5.29 19.39
N PHE A 37 -2.54 4.48 18.52
CA PHE A 37 -2.38 3.06 18.77
C PHE A 37 -0.91 2.70 18.98
N PRO A 38 -0.64 1.59 19.67
CA PRO A 38 0.74 1.13 19.82
C PRO A 38 1.18 0.28 18.64
N THR A 39 2.51 0.15 18.51
CA THR A 39 3.10 -0.67 17.46
C THR A 39 4.35 -1.34 18.02
N ARG A 40 4.80 -2.36 17.31
CA ARG A 40 6.08 -3.00 17.57
C ARG A 40 6.79 -3.22 16.23
N PRO A 41 8.11 -3.24 16.23
CA PRO A 41 8.83 -3.16 14.96
C PRO A 41 8.73 -4.42 14.12
N ILE A 42 8.74 -4.23 12.81
CA ILE A 42 8.82 -5.33 11.85
C ILE A 42 10.28 -5.77 11.77
N PRO A 43 10.56 -7.07 11.71
CA PRO A 43 11.97 -7.50 11.66
C PRO A 43 12.66 -7.02 10.39
N ARG A 44 13.89 -6.52 10.55
CA ARG A 44 14.77 -6.16 9.46
C ARG A 44 15.87 -7.22 9.38
N LEU A 45 15.82 -8.05 8.34
CA LEU A 45 16.68 -9.21 8.22
C LEU A 45 17.39 -9.22 6.89
N SER A 46 18.41 -10.08 6.79
CA SER A 46 19.10 -10.31 5.54
C SER A 46 18.37 -11.34 4.70
N GLN A 47 18.47 -11.18 3.39
CA GLN A 47 17.84 -12.13 2.47
C GLN A 47 18.29 -13.56 2.73
N SER A 48 19.50 -13.73 3.27
CA SER A 48 20.04 -15.06 3.55
C SER A 48 19.66 -15.59 4.92
N ASP A 49 18.95 -14.80 5.73
CA ASP A 49 18.58 -15.24 7.06
C ASP A 49 17.41 -16.22 6.98
N PRO A 50 17.54 -17.45 7.49
CA PRO A 50 16.40 -18.38 7.42
C PRO A 50 15.14 -17.84 8.07
N ARG A 51 15.27 -16.99 9.10
N ARG A 51 15.28 -16.99 9.09
CA ARG A 51 14.09 -16.41 9.73
CA ARG A 51 14.10 -16.40 9.72
C ARG A 51 13.31 -15.55 8.74
C ARG A 51 13.31 -15.57 8.74
N ALA A 52 13.99 -14.93 7.77
CA ALA A 52 13.29 -14.15 6.76
C ALA A 52 12.47 -15.05 5.85
N GLU A 53 13.02 -16.23 5.51
CA GLU A 53 12.28 -17.16 4.67
C GLU A 53 11.08 -17.75 5.41
N GLU A 54 11.25 -18.03 6.71
CA GLU A 54 10.13 -18.59 7.47
C GLU A 54 9.03 -17.56 7.69
N LEU A 55 9.39 -16.27 7.73
CA LEU A 55 8.37 -15.23 7.84
C LEU A 55 7.57 -15.10 6.56
N ILE A 56 8.25 -15.08 5.40
CA ILE A 56 7.55 -15.00 4.13
C ILE A 56 6.70 -16.25 3.93
N GLU A 57 7.19 -17.40 4.37
CA GLU A 57 6.42 -18.63 4.23
C GLU A 57 5.15 -18.58 5.07
N ASN A 58 5.24 -18.08 6.30
CA ASN A 58 4.09 -17.95 7.17
C ASN A 58 3.28 -16.68 6.90
N GLU A 59 3.56 -15.98 5.81
CA GLU A 59 2.82 -14.78 5.42
C GLU A 59 2.81 -13.76 6.56
N GLU A 60 4.00 -13.43 7.05
CA GLU A 60 4.20 -12.36 7.99
C GLU A 60 5.18 -11.35 7.43
N PRO A 61 5.00 -10.06 7.70
CA PRO A 61 5.84 -9.05 7.07
C PRO A 61 7.29 -9.15 7.52
N VAL A 62 8.18 -8.65 6.67
CA VAL A 62 9.61 -8.61 6.96
C VAL A 62 10.25 -7.62 6.02
N VAL A 63 11.23 -6.88 6.53
CA VAL A 63 12.02 -5.95 5.73
C VAL A 63 13.34 -6.63 5.38
N LEU A 64 13.58 -6.82 4.10
CA LEU A 64 14.82 -7.41 3.61
C LEU A 64 15.77 -6.28 3.21
N THR A 65 16.96 -6.28 3.79
CA THR A 65 17.87 -5.15 3.66
C THR A 65 18.88 -5.29 2.53
N ASP A 66 19.05 -6.48 1.96
CA ASP A 66 20.15 -6.74 1.03
C ASP A 66 19.70 -7.65 -0.11
N THR A 67 18.56 -7.33 -0.73
CA THR A 67 18.12 -8.11 -1.88
C THR A 67 18.77 -7.64 -3.18
N ASN A 68 19.12 -6.35 -3.26
CA ASN A 68 19.55 -5.74 -4.52
C ASN A 68 18.45 -5.85 -5.58
N LEU A 69 17.19 -5.89 -5.13
CA LEU A 69 16.07 -6.10 -6.04
C LEU A 69 16.00 -4.99 -7.07
N VAL A 70 16.13 -3.74 -6.64
CA VAL A 70 16.04 -2.59 -7.54
C VAL A 70 17.34 -1.81 -7.48
N TYR A 71 18.47 -2.51 -7.36
CA TYR A 71 19.77 -1.86 -7.28
C TYR A 71 19.99 -0.86 -8.40
N PRO A 72 19.75 -1.19 -9.68
CA PRO A 72 19.98 -0.20 -10.74
C PRO A 72 19.12 1.05 -10.62
N ALA A 73 18.01 0.99 -9.89
CA ALA A 73 17.11 2.12 -9.75
C ALA A 73 17.48 3.05 -8.61
N LEU A 74 18.43 2.67 -7.76
CA LEU A 74 18.79 3.52 -6.63
C LEU A 74 19.41 4.83 -7.09
N LYS A 75 19.87 4.92 -8.33
CA LYS A 75 20.35 6.18 -8.90
C LYS A 75 19.21 7.06 -9.41
N TRP A 76 17.97 6.58 -9.36
CA TRP A 76 16.85 7.33 -9.92
C TRP A 76 16.60 8.61 -9.14
N ASP A 77 16.35 9.69 -9.89
CA ASP A 77 15.82 10.93 -9.34
C ASP A 77 14.96 11.56 -10.42
N LEU A 78 14.37 12.71 -10.10
CA LEU A 78 13.46 13.35 -11.04
C LEU A 78 14.18 13.72 -12.33
N GLU A 79 15.41 14.21 -12.23
CA GLU A 79 16.17 14.55 -13.43
C GLU A 79 16.39 13.33 -14.32
N TYR A 80 16.92 12.25 -13.73
CA TYR A 80 17.18 11.04 -14.50
C TYR A 80 15.90 10.51 -15.14
N LEU A 81 14.84 10.38 -14.34
CA LEU A 81 13.59 9.82 -14.86
C LEU A 81 13.02 10.67 -15.98
N GLN A 82 12.99 11.99 -15.79
CA GLN A 82 12.43 12.87 -16.81
C GLN A 82 13.13 12.69 -18.16
N GLU A 83 14.42 12.38 -18.14
CA GLU A 83 15.18 12.25 -19.38
C GLU A 83 15.02 10.89 -20.04
N ASN A 84 14.67 9.86 -19.28
CA ASN A 84 14.69 8.49 -19.78
C ASN A 84 13.38 7.73 -19.67
N ILE A 85 12.42 8.22 -18.88
CA ILE A 85 11.19 7.45 -18.65
C ILE A 85 10.22 7.54 -19.81
N GLY A 86 10.57 8.20 -20.90
CA GLY A 86 9.72 8.25 -22.07
C GLY A 86 8.72 9.39 -22.00
N ASN A 87 7.79 9.36 -22.96
CA ASN A 87 6.76 10.39 -23.10
C ASN A 87 5.36 9.80 -22.95
N GLY A 88 5.22 8.77 -22.13
CA GLY A 88 3.92 8.18 -21.86
C GLY A 88 3.10 9.04 -20.91
N ASP A 89 1.88 8.59 -20.67
CA ASP A 89 0.98 9.26 -19.74
C ASP A 89 1.16 8.69 -18.34
N PHE A 90 1.19 9.59 -17.36
CA PHE A 90 1.37 9.22 -15.96
C PHE A 90 0.19 9.73 -15.15
N SER A 91 -0.39 8.85 -14.33
CA SER A 91 -1.50 9.24 -13.46
C SER A 91 -0.94 9.98 -12.25
N VAL A 92 -1.33 11.25 -12.10
CA VAL A 92 -0.91 12.09 -10.99
C VAL A 92 -2.14 12.50 -10.20
N TYR A 93 -2.11 12.31 -8.89
CA TYR A 93 -3.20 12.68 -8.01
C TYR A 93 -2.85 13.94 -7.24
N SER A 94 -3.84 14.83 -7.08
CA SER A 94 -3.68 16.06 -6.34
C SER A 94 -4.68 16.10 -5.19
N ALA A 95 -4.29 16.75 -4.10
CA ALA A 95 -5.15 16.84 -2.93
C ALA A 95 -4.71 18.01 -2.08
N SER A 96 -5.68 18.66 -1.44
CA SER A 96 -5.40 19.74 -0.49
C SER A 96 -4.97 19.21 0.88
N THR A 97 -5.15 17.92 1.13
CA THR A 97 -4.76 17.30 2.39
C THR A 97 -3.62 16.32 2.16
N HIS A 98 -3.01 15.89 3.27
CA HIS A 98 -1.92 14.93 3.21
C HIS A 98 -2.39 13.50 2.97
N LYS A 99 -3.70 13.25 3.07
CA LYS A 99 -4.24 11.91 2.87
C LYS A 99 -4.66 11.72 1.42
N PHE A 100 -4.13 10.67 0.78
CA PHE A 100 -4.49 10.31 -0.58
C PHE A 100 -5.30 9.02 -0.54
N LEU A 101 -6.56 9.14 -0.11
CA LEU A 101 -7.42 7.97 -0.02
C LEU A 101 -7.74 7.43 -1.41
N TYR A 102 -7.47 6.16 -1.62
CA TYR A 102 -7.73 5.53 -2.92
C TYR A 102 -9.23 5.31 -3.11
N TYR A 103 -9.69 5.51 -4.34
CA TYR A 103 -11.09 5.31 -4.71
C TYR A 103 -11.16 4.65 -6.07
N ASP A 104 -11.92 3.56 -6.16
CA ASP A 104 -12.10 2.85 -7.42
C ASP A 104 -13.10 3.62 -8.28
N GLU A 105 -12.63 4.16 -9.40
CA GLU A 105 -13.50 4.97 -10.25
C GLU A 105 -14.59 4.13 -10.89
N LYS A 106 -14.33 2.85 -11.14
CA LYS A 106 -15.35 1.97 -11.71
C LYS A 106 -16.57 1.87 -10.80
N LYS A 107 -16.36 1.97 -9.49
CA LYS A 107 -17.43 1.78 -8.51
C LYS A 107 -18.13 3.08 -8.14
N MET A 108 -17.71 4.22 -8.69
CA MET A 108 -18.34 5.49 -8.33
C MET A 108 -19.76 5.62 -8.86
N ALA A 109 -20.21 4.70 -9.70
CA ALA A 109 -21.60 4.73 -10.13
C ALA A 109 -22.53 4.23 -9.03
N ASN A 110 -22.10 3.23 -8.27
CA ASN A 110 -22.93 2.70 -7.19
C ASN A 110 -23.21 3.75 -6.12
N PHE A 111 -22.26 4.64 -5.87
CA PHE A 111 -22.38 5.68 -4.84
C PHE A 111 -22.18 7.03 -5.52
N GLN A 112 -23.25 7.54 -6.13
CA GLN A 112 -23.19 8.84 -6.80
C GLN A 112 -23.05 10.01 -5.82
N ASN A 113 -23.08 9.76 -4.51
CA ASN A 113 -22.88 10.79 -3.51
C ASN A 113 -21.44 10.89 -3.03
N PHE A 114 -20.56 10.00 -3.49
CA PHE A 114 -19.16 10.05 -3.11
C PHE A 114 -18.41 11.02 -4.00
N LYS A 115 -17.82 12.04 -3.40
CA LYS A 115 -17.00 13.02 -4.12
C LYS A 115 -15.57 12.91 -3.64
N PRO A 116 -14.64 12.39 -4.46
CA PRO A 116 -13.28 12.16 -3.96
C PRO A 116 -12.61 13.45 -3.51
N ARG A 117 -11.73 13.32 -2.52
CA ARG A 117 -10.90 14.43 -2.09
C ARG A 117 -9.65 14.58 -2.95
N SER A 118 -9.23 13.53 -3.64
CA SER A 118 -8.10 13.57 -4.55
C SER A 118 -8.60 13.62 -5.99
N ASN A 119 -7.98 14.48 -6.79
CA ASN A 119 -8.30 14.63 -8.20
C ASN A 119 -7.17 14.05 -9.03
N ARG A 120 -7.52 13.17 -9.97
CA ARG A 120 -6.54 12.54 -10.84
C ARG A 120 -6.40 13.36 -12.13
N GLU A 121 -5.15 13.60 -12.53
CA GLU A 121 -4.85 14.29 -13.78
C GLU A 121 -3.79 13.48 -14.53
N GLU A 122 -4.09 13.17 -15.79
CA GLU A 122 -3.15 12.45 -16.64
C GLU A 122 -2.25 13.45 -17.35
N MET A 123 -0.94 13.30 -17.18
CA MET A 123 0.01 14.27 -17.71
C MET A 123 1.31 13.57 -18.06
N LYS A 124 2.19 14.30 -18.73
CA LYS A 124 3.52 13.82 -19.06
C LYS A 124 4.45 14.03 -17.87
N PHE A 125 5.53 13.24 -17.84
CA PHE A 125 6.43 13.27 -16.69
C PHE A 125 7.02 14.66 -16.49
N HIS A 126 7.43 15.31 -17.59
CA HIS A 126 7.99 16.66 -17.46
C HIS A 126 6.95 17.64 -16.94
N GLU A 127 5.67 17.41 -17.23
CA GLU A 127 4.61 18.23 -16.65
C GLU A 127 4.47 17.98 -15.16
N PHE A 128 4.65 16.73 -14.74
CA PHE A 128 4.60 16.42 -13.31
C PHE A 128 5.74 17.11 -12.57
N VAL A 129 6.96 17.05 -13.13
CA VAL A 129 8.09 17.73 -12.52
C VAL A 129 7.84 19.23 -12.46
N GLU A 130 7.33 19.80 -13.55
CA GLU A 130 7.10 21.24 -13.60
C GLU A 130 6.04 21.67 -12.59
N LYS A 131 4.88 21.00 -12.59
CA LYS A 131 3.85 21.35 -11.63
C LYS A 131 4.34 21.18 -10.20
N LEU A 132 5.26 20.24 -9.97
CA LEU A 132 5.88 20.11 -8.66
C LEU A 132 6.85 21.27 -8.40
N GLN A 133 7.59 21.68 -9.43
CA GLN A 133 8.48 22.84 -9.28
C GLN A 133 7.68 24.09 -8.93
N ASP A 134 6.58 24.33 -9.65
CA ASP A 134 5.77 25.51 -9.38
C ASP A 134 5.31 25.55 -7.92
N ILE A 135 4.76 24.44 -7.44
CA ILE A 135 4.30 24.38 -6.05
C ILE A 135 5.43 24.76 -5.10
N GLN A 136 6.61 24.16 -5.30
CA GLN A 136 7.75 24.49 -4.45
C GLN A 136 8.14 25.95 -4.60
N GLN A 137 8.10 26.48 -5.83
CA GLN A 137 8.51 27.86 -6.06
C GLN A 137 7.59 28.83 -5.33
N ARG A 138 6.28 28.68 -5.53
CA ARG A 138 5.31 29.58 -4.89
C ARG A 138 5.00 29.19 -3.46
N GLY A 139 5.68 28.19 -2.90
CA GLY A 139 5.44 27.79 -1.52
C GLY A 139 4.01 27.38 -1.25
N GLY A 140 3.32 26.87 -2.25
CA GLY A 140 1.95 26.42 -2.06
C GLY A 140 1.86 25.20 -1.18
N GLU A 141 0.62 24.87 -0.78
CA GLU A 141 0.36 23.74 0.08
C GLU A 141 -0.30 22.57 -0.65
N GLU A 142 -0.52 22.70 -1.96
CA GLU A 142 -1.04 21.58 -2.73
C GLU A 142 -0.06 20.41 -2.69
N ARG A 143 -0.61 19.20 -2.74
CA ARG A 143 0.19 17.98 -2.71
C ARG A 143 -0.08 17.15 -3.95
N LEU A 144 0.94 16.42 -4.38
CA LEU A 144 0.86 15.57 -5.57
C LEU A 144 1.37 14.18 -5.22
N TYR A 145 0.87 13.18 -5.95
CA TYR A 145 1.33 11.81 -5.78
C TYR A 145 1.21 11.11 -7.13
N LEU A 146 2.35 10.78 -7.72
CA LEU A 146 2.38 10.06 -8.99
C LEU A 146 2.32 8.57 -8.71
N GLN A 147 1.32 7.89 -9.29
CA GLN A 147 1.13 6.46 -9.10
C GLN A 147 0.80 5.88 -10.48
N GLN A 148 1.80 5.28 -11.12
CA GLN A 148 1.67 4.84 -12.51
C GLN A 148 2.32 3.47 -12.68
N THR A 149 1.61 2.59 -13.39
CA THR A 149 2.13 1.27 -13.68
C THR A 149 3.18 1.36 -14.79
N LEU A 150 4.35 0.75 -14.55
CA LEU A 150 5.38 0.70 -15.57
C LEU A 150 4.92 -0.17 -16.73
N ASN A 151 5.15 0.32 -17.95
CA ASN A 151 4.67 -0.34 -19.15
C ASN A 151 5.73 -0.20 -20.25
N ASP A 152 5.34 -0.49 -21.49
CA ASP A 152 6.30 -0.54 -22.59
C ASP A 152 6.78 0.84 -23.02
N THR A 153 6.06 1.91 -22.67
CA THR A 153 6.38 3.24 -23.18
C THR A 153 7.67 3.82 -22.60
N VAL A 154 8.30 3.14 -21.64
CA VAL A 154 9.48 3.71 -20.99
C VAL A 154 10.67 3.70 -21.97
N GLY A 155 11.63 4.60 -21.71
CA GLY A 155 12.78 4.72 -22.56
C GLY A 155 13.80 3.61 -22.37
N ARG A 156 14.81 3.62 -23.25
CA ARG A 156 15.78 2.52 -23.29
C ARG A 156 16.51 2.38 -21.96
N LYS A 157 16.93 3.49 -21.36
CA LYS A 157 17.72 3.41 -20.14
C LYS A 157 16.90 2.84 -18.98
N ILE A 158 15.61 3.17 -18.93
CA ILE A 158 14.77 2.59 -17.88
C ILE A 158 14.56 1.11 -18.15
N VAL A 159 14.48 0.70 -19.41
CA VAL A 159 14.39 -0.72 -19.73
C VAL A 159 15.66 -1.44 -19.27
N MET A 160 16.81 -0.79 -19.42
CA MET A 160 18.06 -1.37 -18.92
C MET A 160 18.02 -1.52 -17.40
N ASP A 161 17.64 -0.45 -16.70
CA ASP A 161 17.51 -0.53 -15.25
C ASP A 161 16.53 -1.63 -14.86
N PHE A 162 15.33 -1.63 -15.46
CA PHE A 162 14.33 -2.65 -15.16
C PHE A 162 14.90 -4.05 -15.36
N LEU A 163 15.62 -4.26 -16.48
CA LEU A 163 16.25 -5.55 -16.70
C LEU A 163 17.33 -5.84 -15.68
N GLY A 164 17.90 -4.82 -15.05
CA GLY A 164 18.94 -5.02 -14.05
C GLY A 164 18.44 -5.38 -12.67
N PHE A 165 17.14 -5.38 -12.44
CA PHE A 165 16.62 -5.80 -11.15
C PHE A 165 17.03 -7.24 -10.88
N ASN A 166 16.98 -7.63 -9.60
CA ASN A 166 17.38 -8.98 -9.19
C ASN A 166 16.18 -9.92 -9.35
N TRP A 167 15.90 -10.24 -10.62
CA TRP A 167 14.82 -11.16 -10.92
C TRP A 167 15.14 -12.57 -10.44
N ASN A 168 16.42 -12.92 -10.37
CA ASN A 168 16.80 -14.25 -9.89
C ASN A 168 16.28 -14.48 -8.48
N TRP A 169 16.28 -13.44 -7.64
CA TRP A 169 15.84 -13.61 -6.26
C TRP A 169 14.32 -13.60 -6.14
N ILE A 170 13.67 -12.64 -6.78
CA ILE A 170 12.22 -12.52 -6.62
C ILE A 170 11.50 -13.65 -7.35
N ASN A 171 12.07 -14.13 -8.47
CA ASN A 171 11.44 -15.25 -9.17
C ASN A 171 11.52 -16.53 -8.36
N LYS A 172 12.59 -16.72 -7.59
CA LYS A 172 12.66 -17.88 -6.70
C LYS A 172 11.64 -17.75 -5.58
N GLN A 173 11.48 -16.55 -5.03
CA GLN A 173 10.42 -16.33 -4.05
C GLN A 173 9.06 -16.72 -4.63
N GLN A 174 8.75 -16.21 -5.83
CA GLN A 174 7.50 -16.59 -6.49
C GLN A 174 7.37 -18.10 -6.59
N GLY A 175 8.45 -18.79 -6.97
CA GLY A 175 8.39 -20.24 -7.11
C GLY A 175 8.26 -20.96 -5.79
N LYS A 176 8.97 -20.49 -4.77
CA LYS A 176 8.95 -21.16 -3.47
C LYS A 176 7.57 -21.06 -2.82
N ARG A 177 6.90 -19.92 -2.96
CA ARG A 177 5.60 -19.71 -2.32
C ARG A 177 4.43 -20.14 -3.19
N GLY A 178 4.68 -20.65 -4.40
CA GLY A 178 3.60 -21.05 -5.26
C GLY A 178 2.72 -19.92 -5.75
N TRP A 179 3.19 -18.69 -5.65
CA TRP A 179 2.40 -17.55 -6.09
C TRP A 179 2.13 -17.61 -7.60
N GLY A 180 1.16 -16.81 -8.03
CA GLY A 180 0.89 -16.66 -9.44
C GLY A 180 1.93 -15.78 -10.11
N GLN A 181 1.55 -15.24 -11.27
CA GLN A 181 2.47 -14.42 -12.04
C GLN A 181 2.53 -13.00 -11.49
N LEU A 182 3.64 -12.33 -11.77
CA LEU A 182 3.77 -10.91 -11.47
C LEU A 182 2.63 -10.14 -12.12
N THR A 183 1.87 -9.40 -11.33
CA THR A 183 0.70 -8.70 -11.85
C THR A 183 1.08 -7.35 -12.45
N SER A 184 1.93 -6.58 -11.77
CA SER A 184 2.31 -5.27 -12.27
C SER A 184 3.38 -4.68 -11.36
N ASN A 185 4.05 -3.66 -11.89
CA ASN A 185 5.00 -2.84 -11.12
C ASN A 185 4.45 -1.42 -11.09
N LEU A 186 4.18 -0.92 -9.88
CA LEU A 186 3.63 0.42 -9.70
C LEU A 186 4.75 1.36 -9.29
N LEU A 187 4.96 2.40 -10.09
CA LEU A 187 5.90 3.46 -9.74
C LEU A 187 5.20 4.48 -8.86
N LEU A 188 5.80 4.79 -7.71
CA LEU A 188 5.23 5.72 -6.74
C LEU A 188 6.24 6.84 -6.49
N ILE A 189 5.81 8.07 -6.76
CA ILE A 189 6.62 9.25 -6.49
C ILE A 189 5.71 10.25 -5.79
N GLY A 190 5.99 10.51 -4.51
CA GLY A 190 5.16 11.39 -3.71
C GLY A 190 5.99 12.47 -3.04
N MET A 191 5.29 13.44 -2.47
CA MET A 191 5.91 14.53 -1.75
C MET A 191 6.01 14.21 -0.27
N GLU A 192 6.98 14.83 0.40
CA GLU A 192 7.13 14.67 1.83
C GLU A 192 5.81 14.93 2.55
N GLY A 193 5.49 14.07 3.52
CA GLY A 193 4.28 14.19 4.28
C GLY A 193 3.07 13.47 3.69
N ASN A 194 3.15 13.03 2.44
CA ASN A 194 2.03 12.31 1.84
C ASN A 194 1.71 11.06 2.65
N VAL A 195 0.43 10.71 2.68
CA VAL A 195 -0.06 9.57 3.44
C VAL A 195 -1.03 8.78 2.58
N THR A 196 -0.84 7.46 2.53
CA THR A 196 -1.81 6.57 1.92
C THR A 196 -2.57 5.88 3.06
N PRO A 197 -3.85 6.19 3.26
CA PRO A 197 -4.55 5.64 4.44
C PRO A 197 -4.56 4.12 4.44
N ALA A 198 -4.86 3.57 5.62
CA ALA A 198 -4.83 2.13 5.81
C ALA A 198 -5.74 1.42 4.82
N HIS A 199 -5.25 0.32 4.26
CA HIS A 199 -5.98 -0.47 3.28
C HIS A 199 -5.26 -1.79 3.12
N TYR A 200 -5.96 -2.77 2.54
CA TYR A 200 -5.39 -4.08 2.29
C TYR A 200 -5.57 -4.44 0.83
N ASP A 201 -4.57 -5.12 0.26
CA ASP A 201 -4.64 -5.63 -1.09
C ASP A 201 -4.84 -7.14 -1.07
N GLU A 202 -5.46 -7.65 -2.12
CA GLU A 202 -5.72 -9.08 -2.24
C GLU A 202 -4.55 -9.84 -2.85
N GLN A 203 -3.46 -9.16 -3.20
CA GLN A 203 -2.30 -9.78 -3.80
C GLN A 203 -1.09 -9.63 -2.90
N GLN A 204 -0.12 -10.53 -3.08
CA GLN A 204 1.16 -10.41 -2.40
C GLN A 204 1.94 -9.23 -2.96
N ASN A 205 2.69 -8.55 -2.09
CA ASN A 205 3.36 -7.32 -2.48
C ASN A 205 4.78 -7.29 -1.93
N PHE A 206 5.76 -7.08 -2.82
CA PHE A 206 7.11 -6.73 -2.43
C PHE A 206 7.31 -5.24 -2.70
N PHE A 207 7.62 -4.51 -1.63
CA PHE A 207 7.57 -3.04 -1.59
C PHE A 207 9.01 -2.55 -1.55
N ALA A 208 9.55 -2.16 -2.71
CA ALA A 208 10.97 -1.86 -2.87
C ALA A 208 11.21 -0.35 -2.84
N GLN A 209 11.77 0.14 -1.73
CA GLN A 209 12.04 1.56 -1.57
C GLN A 209 13.29 1.96 -2.34
N ILE A 210 13.23 3.13 -2.98
CA ILE A 210 14.27 3.58 -3.90
C ILE A 210 14.89 4.88 -3.42
N LYS A 211 14.05 5.90 -3.22
CA LYS A 211 14.50 7.21 -2.78
C LYS A 211 13.63 7.69 -1.64
N GLY A 212 14.24 8.36 -0.66
CA GLY A 212 13.51 8.84 0.49
C GLY A 212 13.15 7.71 1.44
N TYR A 213 12.36 8.07 2.45
CA TYR A 213 12.00 7.14 3.52
C TYR A 213 10.50 7.16 3.74
N LYS A 214 9.94 5.97 3.96
CA LYS A 214 8.51 5.78 4.16
C LYS A 214 8.29 4.99 5.43
N ARG A 215 7.38 5.46 6.27
CA ARG A 215 6.97 4.73 7.47
C ARG A 215 5.78 3.85 7.11
N CYS A 216 5.93 2.55 7.34
CA CYS A 216 4.91 1.57 6.99
C CYS A 216 4.36 0.95 8.27
N ILE A 217 3.05 1.08 8.47
CA ILE A 217 2.35 0.52 9.62
C ILE A 217 1.39 -0.55 9.10
N LEU A 218 1.64 -1.80 9.48
CA LEU A 218 0.85 -2.94 9.01
C LEU A 218 0.01 -3.50 10.15
N PHE A 219 -1.17 -3.99 9.81
CA PHE A 219 -2.07 -4.66 10.75
C PHE A 219 -2.44 -6.01 10.18
N PRO A 220 -2.43 -7.08 10.99
CA PRO A 220 -2.74 -8.41 10.45
C PRO A 220 -4.19 -8.49 9.98
N PRO A 221 -4.54 -9.51 9.20
CA PRO A 221 -5.94 -9.63 8.74
C PRO A 221 -6.94 -9.85 9.87
N ASP A 222 -6.51 -10.43 11.00
CA ASP A 222 -7.45 -10.70 12.08
C ASP A 222 -7.89 -9.45 12.84
N GLN A 223 -7.37 -8.28 12.47
CA GLN A 223 -7.87 -7.01 13.01
C GLN A 223 -8.88 -6.36 12.09
N PHE A 224 -9.51 -7.15 11.22
CA PHE A 224 -10.63 -6.66 10.41
C PHE A 224 -11.66 -5.92 11.27
N GLU A 225 -11.98 -6.46 12.45
CA GLU A 225 -13.00 -5.86 13.31
C GLU A 225 -12.63 -4.48 13.82
N CYS A 226 -11.34 -4.16 13.86
CA CYS A 226 -10.88 -2.90 14.43
C CYS A 226 -10.71 -1.79 13.39
N LEU A 227 -10.71 -2.12 12.09
CA LEU A 227 -10.37 -1.15 11.06
C LEU A 227 -11.51 -0.80 10.12
N TYR A 228 -12.64 -1.51 10.19
CA TYR A 228 -13.90 -1.08 9.59
C TYR A 228 -13.76 -0.70 8.12
N PRO A 229 -13.48 -1.65 7.23
CA PRO A 229 -13.43 -1.31 5.80
C PRO A 229 -14.78 -0.85 5.27
N TYR A 230 -14.72 -0.01 4.23
CA TYR A 230 -15.92 0.39 3.53
C TYR A 230 -16.65 -0.82 2.96
N PRO A 231 -17.92 -0.65 2.58
CA PRO A 231 -18.61 -1.73 1.86
C PRO A 231 -17.86 -2.12 0.60
N VAL A 232 -17.99 -3.39 0.22
CA VAL A 232 -17.28 -3.90 -0.95
C VAL A 232 -17.63 -3.08 -2.19
N HIS A 233 -18.89 -2.67 -2.31
CA HIS A 233 -19.34 -1.94 -3.49
C HIS A 233 -19.02 -0.45 -3.43
N HIS A 234 -18.51 0.05 -2.30
CA HIS A 234 -18.14 1.45 -2.19
C HIS A 234 -16.83 1.71 -2.94
N PRO A 235 -16.66 2.88 -3.55
CA PRO A 235 -15.40 3.15 -4.27
C PRO A 235 -14.16 2.95 -3.42
N CYS A 236 -14.25 3.20 -2.12
CA CYS A 236 -13.14 3.00 -1.20
C CYS A 236 -13.10 1.58 -0.63
N ASP A 237 -13.61 0.61 -1.38
CA ASP A 237 -13.49 -0.78 -1.01
C ASP A 237 -12.05 -1.11 -0.64
N ARG A 238 -11.88 -1.76 0.50
CA ARG A 238 -10.61 -2.24 1.06
C ARG A 238 -9.86 -1.13 1.82
N GLN A 239 -10.37 0.10 1.85
CA GLN A 239 -9.79 1.14 2.68
C GLN A 239 -10.52 1.18 4.02
N SER A 240 -9.79 1.58 5.06
CA SER A 240 -10.38 1.74 6.38
C SER A 240 -11.21 3.02 6.43
N GLN A 241 -12.37 2.94 7.09
CA GLN A 241 -13.19 4.12 7.31
C GLN A 241 -12.64 5.03 8.39
N VAL A 242 -11.70 4.56 9.21
CA VAL A 242 -11.26 5.31 10.39
C VAL A 242 -10.28 6.39 9.96
N ASP A 243 -10.54 7.62 10.39
CA ASP A 243 -9.61 8.73 10.21
C ASP A 243 -8.55 8.59 11.30
N PHE A 244 -7.37 8.09 10.91
CA PHE A 244 -6.31 7.85 11.88
C PHE A 244 -5.95 9.11 12.65
N ASP A 245 -6.18 10.29 12.06
CA ASP A 245 -5.85 11.54 12.74
C ASP A 245 -6.91 11.94 13.76
N ASN A 246 -8.17 11.56 13.53
CA ASN A 246 -9.27 11.90 14.43
C ASN A 246 -10.23 10.73 14.48
N PRO A 247 -9.84 9.63 15.13
CA PRO A 247 -10.69 8.43 15.12
C PRO A 247 -11.98 8.64 15.88
N ASP A 248 -13.10 8.35 15.20
CA ASP A 248 -14.42 8.44 15.82
C ASP A 248 -14.69 7.15 16.57
N TYR A 249 -14.42 7.16 17.87
CA TYR A 249 -14.56 5.94 18.68
C TYR A 249 -16.00 5.55 18.89
N GLU A 250 -16.96 6.45 18.64
CA GLU A 250 -18.37 6.08 18.77
C GLU A 250 -18.80 5.19 17.62
N ARG A 251 -18.42 5.53 16.39
CA ARG A 251 -18.73 4.68 15.24
C ARG A 251 -17.82 3.47 15.17
N PHE A 252 -16.56 3.62 15.58
CA PHE A 252 -15.52 2.61 15.38
C PHE A 252 -14.88 2.24 16.71
N PRO A 253 -15.66 1.67 17.62
CA PRO A 253 -15.15 1.46 19.00
C PRO A 253 -13.94 0.53 19.07
N ASN A 254 -13.88 -0.50 18.21
CA ASN A 254 -12.78 -1.46 18.29
C ASN A 254 -11.49 -0.93 17.70
N PHE A 255 -11.47 0.29 17.18
CA PHE A 255 -10.20 0.90 16.80
C PHE A 255 -9.33 1.15 18.01
N GLN A 256 -9.92 1.22 19.21
CA GLN A 256 -9.16 1.37 20.45
C GLN A 256 -8.40 0.10 20.81
N ASN A 257 -8.63 -1.00 20.09
CA ASN A 257 -7.92 -2.26 20.32
C ASN A 257 -6.90 -2.56 19.22
N VAL A 258 -6.66 -1.63 18.31
CA VAL A 258 -5.80 -1.90 17.16
C VAL A 258 -4.35 -1.85 17.59
N VAL A 259 -3.55 -2.76 17.04
CA VAL A 259 -2.11 -2.81 17.28
CA VAL A 259 -2.10 -2.80 17.29
C VAL A 259 -1.42 -3.09 15.95
N GLY A 260 -0.45 -2.24 15.59
CA GLY A 260 0.20 -2.32 14.30
C GLY A 260 1.63 -2.83 14.38
N TYR A 261 2.15 -3.19 13.22
CA TYR A 261 3.55 -3.54 13.02
C TYR A 261 4.19 -2.44 12.19
N GLU A 262 5.26 -1.84 12.70
CA GLU A 262 5.80 -0.61 12.17
C GLU A 262 7.25 -0.79 11.70
N THR A 263 7.63 0.02 10.72
CA THR A 263 9.00 0.06 10.23
C THR A 263 9.16 1.28 9.34
N VAL A 264 10.41 1.69 9.14
CA VAL A 264 10.75 2.76 8.21
C VAL A 264 11.72 2.17 7.20
N VAL A 265 11.33 2.17 5.93
CA VAL A 265 12.14 1.64 4.85
C VAL A 265 12.85 2.78 4.14
N GLY A 266 14.09 2.54 3.75
CA GLY A 266 14.86 3.49 2.99
C GLY A 266 15.41 2.86 1.72
N PRO A 267 16.20 3.62 0.97
CA PRO A 267 16.77 3.09 -0.27
C PRO A 267 17.44 1.74 -0.07
N GLY A 268 17.06 0.77 -0.89
CA GLY A 268 17.59 -0.58 -0.84
C GLY A 268 16.73 -1.55 -0.04
N ASP A 269 15.87 -1.06 0.84
CA ASP A 269 15.02 -1.93 1.63
C ASP A 269 13.83 -2.42 0.83
N VAL A 270 13.45 -3.67 1.08
CA VAL A 270 12.28 -4.28 0.47
C VAL A 270 11.39 -4.80 1.60
N LEU A 271 10.14 -4.33 1.64
CA LEU A 271 9.18 -4.75 2.64
C LEU A 271 8.22 -5.75 2.01
N TYR A 272 8.14 -6.95 2.61
CA TYR A 272 7.14 -7.93 2.19
C TYR A 272 5.83 -7.60 2.89
N ILE A 273 4.84 -7.19 2.12
CA ILE A 273 3.49 -6.94 2.64
C ILE A 273 2.62 -8.13 2.26
N PRO A 274 2.35 -9.07 3.17
CA PRO A 274 1.57 -10.25 2.78
C PRO A 274 0.15 -9.89 2.39
N MET A 275 -0.44 -10.72 1.54
CA MET A 275 -1.80 -10.46 1.06
C MET A 275 -2.76 -10.35 2.24
N TYR A 276 -3.73 -9.44 2.10
CA TYR A 276 -4.79 -9.17 3.07
C TYR A 276 -4.30 -8.46 4.33
N TRP A 277 -3.00 -8.18 4.45
CA TRP A 277 -2.52 -7.37 5.56
C TRP A 277 -2.81 -5.91 5.27
N TRP A 278 -3.38 -5.21 6.26
CA TRP A 278 -3.52 -3.78 6.16
C TRP A 278 -2.15 -3.12 6.19
N HIS A 279 -2.05 -1.96 5.54
CA HIS A 279 -0.83 -1.17 5.63
C HIS A 279 -1.16 0.30 5.47
N HIS A 280 -0.57 1.11 6.33
CA HIS A 280 -0.66 2.56 6.30
C HIS A 280 0.73 3.10 5.98
N ILE A 281 0.85 3.84 4.88
CA ILE A 281 2.14 4.31 4.38
C ILE A 281 2.16 5.83 4.43
N GLU A 282 3.28 6.40 4.88
CA GLU A 282 3.44 7.84 4.93
C GLU A 282 4.87 8.22 4.58
N SER A 283 5.03 9.18 3.67
CA SER A 283 6.35 9.71 3.37
C SER A 283 6.80 10.63 4.50
N LEU A 284 8.00 10.39 5.01
CA LEU A 284 8.45 11.08 6.22
C LEU A 284 8.37 12.59 6.05
N LEU A 285 7.94 13.27 7.11
CA LEU A 285 7.85 14.72 7.11
C LEU A 285 9.23 15.34 6.84
N ASN A 286 9.25 16.35 5.98
CA ASN A 286 10.48 17.09 5.69
C ASN A 286 11.61 16.15 5.24
N GLY A 287 11.24 15.06 4.57
CA GLY A 287 12.20 14.10 4.07
C GLY A 287 12.42 14.14 2.57
N GLY A 288 11.89 15.14 1.87
CA GLY A 288 12.02 15.20 0.43
C GLY A 288 11.03 14.28 -0.26
N ILE A 289 11.22 14.13 -1.56
CA ILE A 289 10.36 13.25 -2.34
C ILE A 289 10.73 11.80 -2.06
N THR A 290 9.75 10.91 -2.21
CA THR A 290 9.96 9.49 -2.06
C THR A 290 9.73 8.80 -3.39
N ILE A 291 10.51 7.75 -3.66
CA ILE A 291 10.32 6.94 -4.85
C ILE A 291 10.24 5.49 -4.41
N THR A 292 9.26 4.75 -4.95
CA THR A 292 9.07 3.36 -4.62
C THR A 292 8.61 2.62 -5.87
N VAL A 293 8.98 1.34 -5.94
CA VAL A 293 8.42 0.40 -6.92
C VAL A 293 7.98 -0.84 -6.17
N ASN A 294 6.74 -1.26 -6.38
CA ASN A 294 6.20 -2.44 -5.73
C ASN A 294 5.98 -3.54 -6.76
N PHE A 295 5.98 -4.78 -6.28
CA PHE A 295 5.85 -5.98 -7.10
C PHE A 295 4.66 -6.76 -6.59
N TRP A 296 3.60 -6.85 -7.39
CA TRP A 296 2.38 -7.54 -7.01
C TRP A 296 2.33 -8.91 -7.67
N TYR A 297 2.06 -9.94 -6.86
CA TYR A 297 1.92 -11.31 -7.34
C TYR A 297 0.58 -11.85 -6.88
N LYS A 298 -0.15 -12.52 -7.79
CA LYS A 298 -1.34 -13.24 -7.39
C LYS A 298 -0.98 -14.31 -6.39
N GLY A 299 -1.73 -14.38 -5.29
CA GLY A 299 -1.47 -15.36 -4.26
C GLY A 299 -1.58 -16.78 -4.78
N ALA A 300 -1.07 -17.71 -3.98
CA ALA A 300 -1.14 -19.12 -4.33
C ALA A 300 -2.61 -19.55 -4.42
N PRO A 301 -2.92 -20.53 -5.25
CA PRO A 301 -4.32 -20.98 -5.38
C PRO A 301 -4.82 -21.57 -4.07
N THR A 302 -6.14 -21.50 -3.89
CA THR A 302 -6.76 -22.06 -2.70
C THR A 302 -6.70 -23.58 -2.77
N PRO A 303 -6.18 -24.26 -1.74
CA PRO A 303 -6.03 -25.72 -1.84
C PRO A 303 -7.38 -26.42 -1.98
N LYS A 304 -7.35 -27.57 -2.64
CA LYS A 304 -8.59 -28.31 -2.87
C LYS A 304 -9.21 -28.78 -1.56
N ARG A 305 -8.39 -29.29 -0.64
CA ARG A 305 -8.86 -29.73 0.67
C ARG A 305 -8.67 -28.59 1.65
N ILE A 306 -9.77 -28.02 2.13
CA ILE A 306 -9.72 -26.89 3.05
C ILE A 306 -9.40 -27.40 4.44
N GLU A 307 -8.32 -26.89 5.03
CA GLU A 307 -7.90 -27.28 6.37
C GLU A 307 -8.49 -26.31 7.38
N TYR A 308 -9.28 -26.83 8.31
CA TYR A 308 -9.80 -26.01 9.39
C TYR A 308 -8.88 -26.08 10.60
N PRO A 309 -8.81 -25.03 11.42
CA PRO A 309 -9.58 -23.78 11.35
C PRO A 309 -9.14 -22.87 10.20
N LEU A 310 -10.05 -22.01 9.75
CA LEU A 310 -9.74 -21.10 8.66
C LEU A 310 -8.86 -19.95 9.15
N LYS A 311 -7.95 -19.51 8.28
CA LYS A 311 -7.15 -18.34 8.59
C LYS A 311 -8.02 -17.08 8.53
N ALA A 312 -7.50 -16.01 9.14
CA ALA A 312 -8.26 -14.76 9.17
C ALA A 312 -8.57 -14.26 7.76
N HIS A 313 -7.60 -14.37 6.84
CA HIS A 313 -7.82 -13.83 5.50
C HIS A 313 -8.86 -14.64 4.73
N GLN A 314 -8.99 -15.93 5.04
CA GLN A 314 -10.05 -16.73 4.41
C GLN A 314 -11.42 -16.25 4.84
N LYS A 315 -11.57 -15.86 6.11
CA LYS A 315 -12.85 -15.30 6.57
C LYS A 315 -13.12 -13.96 5.90
N VAL A 316 -12.10 -13.13 5.75
CA VAL A 316 -12.27 -11.88 4.99
C VAL A 316 -12.72 -12.18 3.57
N ALA A 317 -12.09 -13.17 2.93
CA ALA A 317 -12.50 -13.55 1.59
C ALA A 317 -13.96 -14.01 1.58
N ILE A 318 -14.40 -14.70 2.63
CA ILE A 318 -15.79 -15.13 2.71
C ILE A 318 -16.71 -13.93 2.83
N MET A 319 -16.38 -13.00 3.73
CA MET A 319 -17.21 -11.81 3.91
C MET A 319 -17.31 -11.02 2.61
N ARG A 320 -16.21 -10.89 1.88
CA ARG A 320 -16.25 -10.18 0.60
C ARG A 320 -17.20 -10.86 -0.37
N ASN A 321 -17.14 -12.20 -0.45
CA ASN A 321 -18.00 -12.90 -1.40
C ASN A 321 -19.47 -12.77 -1.04
N ILE A 322 -19.79 -12.82 0.25
CA ILE A 322 -21.17 -12.63 0.67
C ILE A 322 -21.68 -11.27 0.21
N GLU A 323 -20.90 -10.21 0.45
CA GLU A 323 -21.32 -8.87 0.03
C GLU A 323 -21.47 -8.80 -1.49
N LYS A 324 -20.56 -9.41 -2.23
CA LYS A 324 -20.66 -9.40 -3.69
C LYS A 324 -21.91 -10.12 -4.17
N MET A 325 -22.12 -11.36 -3.72
CA MET A 325 -23.28 -12.12 -4.15
C MET A 325 -24.57 -11.40 -3.78
N LEU A 326 -24.62 -10.84 -2.57
CA LEU A 326 -25.83 -10.14 -2.13
C LEU A 326 -26.13 -8.95 -3.03
N GLY A 327 -25.10 -8.23 -3.45
CA GLY A 327 -25.31 -7.12 -4.38
C GLY A 327 -25.80 -7.59 -5.74
N GLU A 328 -25.38 -8.79 -6.16
CA GLU A 328 -25.82 -9.32 -7.44
C GLU A 328 -27.25 -9.85 -7.35
N ALA A 329 -27.56 -10.58 -6.28
CA ALA A 329 -28.89 -11.18 -6.16
C ALA A 329 -29.96 -10.12 -5.97
N LEU A 330 -29.70 -9.11 -5.14
CA LEU A 330 -30.68 -8.07 -4.89
C LEU A 330 -30.83 -7.09 -6.06
N GLY A 331 -29.92 -7.14 -7.03
CA GLY A 331 -29.98 -6.23 -8.15
C GLY A 331 -29.57 -4.81 -7.84
N ASN A 332 -29.11 -4.52 -6.63
CA ASN A 332 -28.70 -3.18 -6.25
C ASN A 332 -27.78 -3.25 -5.04
N PRO A 333 -26.56 -2.73 -5.10
CA PRO A 333 -25.67 -2.80 -3.92
C PRO A 333 -26.15 -1.95 -2.76
N GLN A 334 -27.02 -0.97 -2.99
CA GLN A 334 -27.52 -0.15 -1.90
C GLN A 334 -28.42 -0.94 -0.96
N GLU A 335 -29.00 -2.04 -1.43
CA GLU A 335 -29.87 -2.87 -0.60
C GLU A 335 -29.09 -3.89 0.24
N VAL A 336 -27.78 -3.96 0.09
CA VAL A 336 -26.99 -4.95 0.84
C VAL A 336 -27.12 -4.71 2.34
N GLY A 337 -26.87 -3.48 2.78
CA GLY A 337 -26.92 -3.14 4.18
C GLY A 337 -28.25 -3.45 4.83
N PRO A 338 -29.34 -2.93 4.26
CA PRO A 338 -30.66 -3.22 4.83
C PRO A 338 -30.97 -4.70 5.00
N LEU A 339 -30.66 -5.53 3.99
CA LEU A 339 -30.95 -6.96 4.12
CA LEU A 339 -30.95 -6.96 4.12
C LEU A 339 -30.08 -7.58 5.21
N LEU A 340 -28.79 -7.23 5.25
CA LEU A 340 -27.91 -7.80 6.26
C LEU A 340 -28.40 -7.45 7.66
N ASN A 341 -28.78 -6.19 7.89
CA ASN A 341 -29.34 -5.80 9.19
C ASN A 341 -30.59 -6.61 9.51
N THR A 342 -31.46 -6.80 8.51
CA THR A 342 -32.67 -7.60 8.73
C THR A 342 -32.33 -9.03 9.14
N MET A 343 -31.21 -9.56 8.63
CA MET A 343 -30.84 -10.94 8.93
CA MET A 343 -30.84 -10.95 8.93
C MET A 343 -30.41 -11.11 10.38
N ILE A 344 -29.81 -10.08 10.98
CA ILE A 344 -29.16 -10.20 12.27
C ILE A 344 -29.99 -9.63 13.41
N LYS A 345 -30.62 -8.47 13.21
CA LYS A 345 -31.27 -7.78 14.31
C LYS A 345 -32.24 -8.70 15.03
N GLY A 346 -31.94 -8.99 16.30
CA GLY A 346 -32.76 -9.88 17.10
C GLY A 346 -32.62 -11.34 16.76
N ARG A 347 -31.62 -11.71 15.97
CA ARG A 347 -31.45 -13.10 15.54
C ARG A 347 -30.04 -13.60 15.83
N TYR A 348 -29.03 -12.81 15.50
CA TYR A 348 -27.63 -13.17 15.71
C TYR A 348 -26.87 -12.18 16.58
N ASN A 349 -27.51 -11.12 17.05
CA ASN A 349 -26.86 -10.18 17.96
C ASN A 349 -27.61 -10.10 19.28
C01 ROQ B . 0.46 0.53 -1.95
C02 ROQ B . 1.05 1.91 -2.12
C03 ROQ B . 1.40 2.70 -0.87
C04 ROQ B . 0.17 2.82 -2.98
C05 ROQ B . 1.11 -0.60 -2.38
C06 ROQ B . 2.31 3.87 -0.90
O01 ROQ B . -0.63 0.40 -1.43
O02 ROQ B . 0.66 -1.69 -2.18
O03 ROQ B . 2.25 -0.71 -3.03
O04 ROQ B . 1.94 5.01 -0.87
O05 ROQ B . 3.60 3.56 -0.93
H01 ROQ B . 1.86 1.80 -2.63
H02 ROQ B . 0.59 2.90 -0.39
H03 ROQ B . 1.65 2.07 -0.17
H04 ROQ B . -0.77 2.58 -2.88
H05 ROQ B . 0.41 2.74 -3.91
H06 ROQ B . 0.28 3.75 -2.70
ZN ZN C . -1.38 -1.54 -1.34
S SO4 D . -2.02 26.27 -3.39
O1 SO4 D . -2.14 26.73 -2.01
O2 SO4 D . -1.03 25.20 -3.47
O3 SO4 D . -1.59 27.38 -4.24
O4 SO4 D . -3.32 25.78 -3.86
S SO4 E . 5.60 18.16 5.45
O1 SO4 E . 5.81 18.55 6.84
O2 SO4 E . 6.64 17.22 5.05
O3 SO4 E . 5.65 19.34 4.59
O4 SO4 E . 4.29 17.52 5.32
S SO4 F . -4.39 -15.99 11.29
O1 SO4 F . -4.40 -17.04 10.28
O2 SO4 F . -3.32 -16.24 12.25
O3 SO4 F . -5.68 -15.99 11.99
O4 SO4 F . -4.18 -14.70 10.64
S SO4 G . -9.03 9.30 -18.49
O1 SO4 G . -8.70 7.88 -18.59
O2 SO4 G . -8.01 9.99 -17.72
O3 SO4 G . -10.32 9.44 -17.82
O4 SO4 G . -9.10 9.87 -19.83
#